data_9DRK
#
_entry.id   9DRK
#
_cell.length_a   62.651
_cell.length_b   68.705
_cell.length_c   115.134
_cell.angle_alpha   90.00
_cell.angle_beta   90.00
_cell.angle_gamma   90.00
#
_symmetry.space_group_name_H-M   'P 21 21 21'
#
loop_
_entity.id
_entity.type
_entity.pdbx_description
1 polymer 'Biotin--[acetyl-CoA-carboxylase] ligase'
2 non-polymer "5'-deoxy-5'-({5-[(3aS,4S,6aR)-2-oxohexahydro-1H-thieno[3,4-d]imidazol-4-yl]pentyl}sulfamamido)adenosine"
3 water water
#
_entity_poly.entity_id   1
_entity_poly.type   'polypeptide(L)'
_entity_poly.pdbx_seq_one_letter_code
;MTDRDRLRPPLDERSLRDQLIGAGSGWRQLDVVAQTGSTNADLLARAASGADIDGVVLIAEHQTAGRGRHGRGWAATARA
QIILSVGVRVVDVPVQAWGWLSLAAGLAVLDSVAPLIAVPPAETGLKWPNDVLARGGKLAGILAEVAQPFVVLGVGLNVT
QAPEEVDPDATSLLDLGVAAPDRNRIASRLLRELEARIIQWRNANPQLAADYRARSLTIGSRVRVELPGGQDVVGIARDI
DDQGRLCLDVGGRTVVVSAGDVVHL
;
_entity_poly.pdbx_strand_id   A,B
#
# COMPACT_ATOMS: atom_id res chain seq x y z
N MET A 1 21.88 7.88 39.30
CA MET A 1 22.20 6.56 38.75
C MET A 1 22.64 5.56 39.77
N THR A 2 23.65 5.95 40.54
CA THR A 2 24.08 5.14 41.67
C THR A 2 22.91 4.81 42.57
N ASP A 3 21.95 5.72 42.71
CA ASP A 3 20.78 5.40 43.51
C ASP A 3 19.86 4.45 42.78
N ARG A 4 19.81 4.50 41.45
CA ARG A 4 18.84 3.65 40.77
C ARG A 4 19.24 2.19 40.89
N ASP A 5 20.54 1.91 41.00
CA ASP A 5 21.00 0.54 41.24
C ASP A 5 20.30 -0.10 42.44
N ARG A 6 20.02 0.70 43.49
CA ARG A 6 19.31 0.20 44.66
C ARG A 6 17.84 -0.12 44.37
N LEU A 7 17.33 0.28 43.22
CA LEU A 7 15.98 -0.11 42.79
C LEU A 7 16.02 -1.18 41.70
N ARG A 8 17.18 -1.82 41.49
CA ARG A 8 17.33 -2.85 40.47
C ARG A 8 17.73 -4.19 41.08
N PRO A 9 16.85 -4.83 41.85
CA PRO A 9 17.12 -6.20 42.30
C PRO A 9 16.96 -7.16 41.16
N PRO A 10 17.62 -8.33 41.21
CA PRO A 10 17.53 -9.27 40.10
C PRO A 10 16.16 -9.91 40.06
N LEU A 11 15.87 -10.53 38.91
CA LEU A 11 14.65 -11.32 38.74
C LEU A 11 14.74 -12.65 39.48
N ASP A 12 13.63 -13.06 40.09
CA ASP A 12 13.50 -14.40 40.64
C ASP A 12 13.09 -15.34 39.51
N GLU A 13 14.07 -16.08 38.98
CA GLU A 13 13.80 -17.05 37.92
C GLU A 13 12.84 -18.14 38.40
N ARG A 14 13.11 -18.73 39.57
CA ARG A 14 12.25 -19.78 40.12
C ARG A 14 10.81 -19.31 40.23
N SER A 15 10.60 -18.13 40.81
CA SER A 15 9.24 -17.62 41.00
C SER A 15 8.55 -17.35 39.67
N LEU A 16 9.27 -16.76 38.71
CA LEU A 16 8.71 -16.52 37.37
C LEU A 16 8.32 -17.83 36.67
N ARG A 17 9.16 -18.85 36.76
CA ARG A 17 8.78 -20.14 36.17
C ARG A 17 7.55 -20.73 36.86
N ASP A 18 7.47 -20.56 38.18
CA ASP A 18 6.30 -21.05 38.89
C ASP A 18 5.03 -20.40 38.36
N GLN A 19 5.11 -19.13 38.01
CA GLN A 19 3.91 -18.41 37.57
C GLN A 19 3.58 -18.66 36.11
N LEU A 20 4.58 -18.86 35.26
CA LEU A 20 4.37 -18.79 33.83
C LEU A 20 4.36 -20.14 33.11
N ILE A 21 4.98 -21.17 33.67
CA ILE A 21 5.08 -22.47 33.02
C ILE A 21 4.18 -23.44 33.77
N GLY A 22 3.48 -24.29 33.02
CA GLY A 22 2.58 -25.26 33.61
C GLY A 22 1.30 -25.39 32.80
N ALA A 23 0.34 -26.12 33.35
CA ALA A 23 -0.89 -26.44 32.63
C ALA A 23 -1.67 -25.17 32.30
N GLY A 24 -2.25 -25.15 31.10
CA GLY A 24 -2.96 -24.00 30.60
C GLY A 24 -2.08 -22.89 30.04
N SER A 25 -0.79 -22.89 30.34
CA SER A 25 0.12 -21.85 29.89
C SER A 25 0.79 -22.25 28.58
N GLY A 26 0.84 -21.32 27.64
CA GLY A 26 1.56 -21.57 26.40
C GLY A 26 3.06 -21.59 26.54
N TRP A 27 3.61 -20.97 27.58
CA TRP A 27 5.06 -20.91 27.70
C TRP A 27 5.61 -22.27 28.14
N ARG A 28 6.55 -22.79 27.38
CA ARG A 28 7.13 -24.10 27.64
C ARG A 28 8.42 -24.04 28.44
N GLN A 29 9.14 -22.93 28.39
CA GLN A 29 10.46 -22.85 28.98
C GLN A 29 10.78 -21.39 29.22
N LEU A 30 11.34 -21.09 30.40
CA LEU A 30 11.81 -19.75 30.71
C LEU A 30 13.18 -19.88 31.36
N ASP A 31 14.14 -19.09 30.89
CA ASP A 31 15.43 -18.97 31.56
C ASP A 31 15.79 -17.51 31.71
N VAL A 32 16.37 -17.18 32.85
CA VAL A 32 16.97 -15.87 33.09
C VAL A 32 18.48 -16.06 33.04
N VAL A 33 19.16 -15.37 32.14
CA VAL A 33 20.61 -15.38 32.11
C VAL A 33 21.15 -14.03 32.62
N ALA A 34 22.39 -14.06 33.11
CA ALA A 34 22.99 -12.86 33.64
C ALA A 34 23.26 -11.86 32.53
N GLN A 35 23.73 -12.34 31.39
CA GLN A 35 24.23 -11.43 30.37
C GLN A 35 24.22 -12.14 29.05
N THR A 36 23.89 -11.40 27.99
CA THR A 36 24.11 -11.93 26.65
C THR A 36 24.29 -10.76 25.70
N GLY A 37 24.74 -11.08 24.48
CA GLY A 37 24.86 -10.05 23.47
C GLY A 37 23.50 -9.59 22.98
N SER A 38 22.63 -10.54 22.65
CA SER A 38 21.28 -10.19 22.24
C SER A 38 20.38 -11.40 22.46
N THR A 39 19.28 -11.21 23.19
CA THR A 39 18.36 -12.33 23.39
C THR A 39 17.75 -12.77 22.07
N ASN A 40 17.55 -11.84 21.14
CA ASN A 40 17.05 -12.24 19.82
C ASN A 40 18.06 -13.12 19.11
N ALA A 41 19.33 -12.68 19.06
CA ALA A 41 20.38 -13.47 18.44
C ALA A 41 20.44 -14.86 19.05
N ASP A 42 20.22 -14.95 20.37
CA ASP A 42 20.39 -16.23 21.06
C ASP A 42 19.27 -17.21 20.70
N LEU A 43 18.01 -16.76 20.68
CA LEU A 43 16.93 -17.66 20.30
C LEU A 43 16.99 -17.96 18.81
N LEU A 44 17.48 -17.03 18.00
CA LEU A 44 17.65 -17.34 16.57
C LEU A 44 18.71 -18.40 16.38
N ALA A 45 19.80 -18.34 17.16
CA ALA A 45 20.84 -19.35 17.10
C ALA A 45 20.30 -20.72 17.51
N ARG A 46 19.52 -20.77 18.58
CA ARG A 46 18.83 -22.00 18.95
C ARG A 46 18.05 -22.59 17.79
N ALA A 47 17.23 -21.77 17.13
CA ALA A 47 16.38 -22.31 16.07
C ALA A 47 17.19 -22.73 14.86
N ALA A 48 18.25 -22.00 14.55
CA ALA A 48 19.09 -22.38 13.44
C ALA A 48 19.78 -23.73 13.68
N SER A 49 19.89 -24.16 14.93
CA SER A 49 20.43 -25.48 15.25
C SER A 49 19.38 -26.56 15.42
N GLY A 50 18.12 -26.27 15.11
CA GLY A 50 17.09 -27.27 15.11
C GLY A 50 16.18 -27.26 16.33
N ALA A 51 16.50 -26.47 17.35
CA ALA A 51 15.69 -26.48 18.56
C ALA A 51 14.26 -26.00 18.27
N ASP A 52 13.31 -26.54 19.01
CA ASP A 52 11.94 -26.04 18.93
C ASP A 52 11.80 -24.92 19.95
N ILE A 53 11.73 -23.68 19.48
CA ILE A 53 11.66 -22.53 20.39
C ILE A 53 10.24 -22.00 20.52
N ASP A 54 9.23 -22.73 20.05
CA ASP A 54 7.86 -22.24 20.20
C ASP A 54 7.49 -22.21 21.68
N GLY A 55 7.12 -21.02 22.18
CA GLY A 55 6.79 -20.89 23.60
C GLY A 55 7.99 -20.91 24.53
N VAL A 56 9.18 -20.69 24.00
CA VAL A 56 10.39 -20.58 24.81
C VAL A 56 10.64 -19.11 25.10
N VAL A 57 10.95 -18.81 26.36
CA VAL A 57 11.21 -17.45 26.81
C VAL A 57 12.65 -17.37 27.26
N LEU A 58 13.36 -16.35 26.79
CA LEU A 58 14.70 -16.04 27.27
C LEU A 58 14.71 -14.61 27.79
N ILE A 59 15.00 -14.46 29.08
CA ILE A 59 15.15 -13.15 29.72
C ILE A 59 16.63 -12.98 30.05
N ALA A 60 17.14 -11.76 29.84
CA ALA A 60 18.52 -11.43 30.16
C ALA A 60 18.54 -10.27 31.14
N GLU A 61 19.27 -10.43 32.25
CA GLU A 61 19.46 -9.33 33.20
C GLU A 61 20.17 -8.16 32.54
N HIS A 62 21.08 -8.44 31.62
CA HIS A 62 21.86 -7.43 30.93
CA HIS A 62 21.84 -7.41 30.92
C HIS A 62 22.03 -7.83 29.47
N GLN A 63 22.11 -6.83 28.59
CA GLN A 63 22.23 -7.10 27.17
C GLN A 63 23.24 -6.12 26.58
N THR A 64 24.33 -6.66 26.02
CA THR A 64 25.50 -5.85 25.68
C THR A 64 25.60 -5.52 24.20
N ALA A 65 24.90 -6.25 23.33
CA ALA A 65 24.90 -5.97 21.89
C ALA A 65 23.48 -5.97 21.34
N GLY A 66 22.58 -5.23 21.98
CA GLY A 66 21.18 -5.28 21.60
C GLY A 66 20.96 -4.80 20.19
N ARG A 67 19.97 -5.39 19.53
CA ARG A 67 19.62 -5.05 18.17
C ARG A 67 18.35 -4.21 18.12
N GLY A 68 18.32 -3.25 17.19
CA GLY A 68 17.12 -2.52 16.88
C GLY A 68 16.63 -2.88 15.48
N ARG A 69 15.58 -2.18 15.07
CA ARG A 69 15.11 -2.30 13.70
C ARG A 69 16.12 -1.66 12.75
N HIS A 70 16.08 -2.12 11.49
CA HIS A 70 16.77 -1.46 10.36
C HIS A 70 18.26 -1.22 10.65
N GLY A 71 18.93 -2.23 11.20
CA GLY A 71 20.32 -2.07 11.57
C GLY A 71 20.60 -0.96 12.55
N ARG A 72 19.78 -0.83 13.58
CA ARG A 72 20.04 0.08 14.69
C ARG A 72 20.39 -0.74 15.93
N GLY A 73 20.73 -0.04 17.02
CA GLY A 73 21.12 -0.68 18.25
C GLY A 73 20.07 -0.51 19.33
N TRP A 74 20.27 -1.25 20.42
CA TRP A 74 19.44 -1.11 21.61
C TRP A 74 20.36 -1.13 22.82
N ALA A 75 20.35 -0.04 23.59
CA ALA A 75 21.23 0.08 24.75
C ALA A 75 20.53 -0.35 26.04
N ALA A 76 21.32 -0.92 26.94
CA ALA A 76 20.83 -1.43 28.21
C ALA A 76 21.94 -1.32 29.25
N THR A 77 21.56 -1.10 30.51
CA THR A 77 22.44 -1.44 31.62
C THR A 77 21.77 -2.51 32.46
N ALA A 78 22.57 -3.10 33.35
CA ALA A 78 22.15 -4.31 34.05
C ALA A 78 20.97 -4.03 34.98
N ARG A 79 19.92 -4.87 34.86
CA ARG A 79 18.75 -4.92 35.73
C ARG A 79 17.88 -3.67 35.61
N ALA A 80 18.10 -2.87 34.56
CA ALA A 80 17.34 -1.64 34.35
C ALA A 80 16.11 -1.86 33.48
N GLN A 81 16.01 -3.02 32.85
CA GLN A 81 15.02 -3.24 31.82
C GLN A 81 14.46 -4.66 31.97
N ILE A 82 13.34 -4.89 31.31
CA ILE A 82 12.92 -6.24 31.02
C ILE A 82 13.32 -6.50 29.57
N ILE A 83 14.28 -7.40 29.40
CA ILE A 83 14.87 -7.72 28.11
C ILE A 83 14.52 -9.17 27.82
N LEU A 84 13.71 -9.42 26.80
CA LEU A 84 13.35 -10.81 26.62
C LEU A 84 13.04 -11.09 25.16
N SER A 85 13.13 -12.39 24.81
CA SER A 85 12.75 -12.87 23.50
C SER A 85 11.90 -14.10 23.68
N VAL A 86 10.99 -14.31 22.75
CA VAL A 86 10.11 -15.48 22.78
C VAL A 86 10.09 -16.04 21.38
N GLY A 87 9.98 -17.36 21.28
CA GLY A 87 9.84 -18.03 20.01
C GLY A 87 8.37 -18.33 19.75
N VAL A 88 7.94 -18.01 18.52
CA VAL A 88 6.56 -18.22 18.07
C VAL A 88 6.64 -19.00 16.77
N ARG A 89 5.99 -20.16 16.73
CA ARG A 89 5.88 -20.87 15.46
C ARG A 89 4.89 -20.15 14.57
N VAL A 90 5.34 -19.79 13.37
CA VAL A 90 4.50 -18.99 12.46
C VAL A 90 4.23 -19.69 11.15
N VAL A 91 4.84 -20.85 10.90
CA VAL A 91 4.84 -21.41 9.55
C VAL A 91 3.44 -21.84 9.14
N ASP A 92 2.52 -22.02 10.11
CA ASP A 92 1.11 -22.35 9.86
C ASP A 92 0.28 -21.15 9.40
N VAL A 93 0.81 -19.93 9.48
CA VAL A 93 0.05 -18.72 9.19
C VAL A 93 0.58 -18.11 7.91
N PRO A 94 -0.29 -17.66 6.97
CA PRO A 94 0.20 -17.09 5.71
C PRO A 94 1.15 -15.91 5.95
N VAL A 95 2.12 -15.75 5.06
CA VAL A 95 3.23 -14.86 5.37
C VAL A 95 2.76 -13.41 5.46
N GLN A 96 1.73 -13.05 4.70
CA GLN A 96 1.20 -11.68 4.71
C GLN A 96 0.66 -11.27 6.08
N ALA A 97 0.51 -12.22 7.01
CA ALA A 97 -0.03 -11.95 8.33
C ALA A 97 1.04 -11.77 9.38
N TRP A 98 2.31 -12.00 9.05
CA TRP A 98 3.32 -12.11 10.10
C TRP A 98 3.65 -10.76 10.72
N GLY A 99 3.44 -9.66 10.01
CA GLY A 99 3.71 -8.35 10.60
C GLY A 99 2.79 -8.02 11.75
N TRP A 100 1.60 -8.64 11.80
CA TRP A 100 0.72 -8.44 12.95
C TRP A 100 1.35 -8.87 14.26
N LEU A 101 2.24 -9.87 14.19
CA LEU A 101 2.83 -10.41 15.42
C LEU A 101 3.62 -9.34 16.16
N SER A 102 4.33 -8.48 15.41
CA SER A 102 5.05 -7.37 16.02
C SER A 102 4.11 -6.30 16.56
N LEU A 103 3.03 -5.98 15.83
CA LEU A 103 2.03 -5.07 16.37
C LEU A 103 1.42 -5.64 17.65
N ALA A 104 1.06 -6.92 17.65
CA ALA A 104 0.53 -7.54 18.86
C ALA A 104 1.54 -7.50 20.02
N ALA A 105 2.83 -7.70 19.75
CA ALA A 105 3.80 -7.61 20.84
C ALA A 105 3.78 -6.23 21.52
N GLY A 106 3.74 -5.14 20.73
CA GLY A 106 3.76 -3.82 21.34
C GLY A 106 2.50 -3.56 22.14
N LEU A 107 1.37 -4.05 21.64
CA LEU A 107 0.13 -3.96 22.41
C LEU A 107 0.26 -4.71 23.74
N ALA A 108 0.86 -5.91 23.71
CA ALA A 108 1.05 -6.67 24.94
C ALA A 108 1.88 -5.88 25.94
N VAL A 109 2.99 -5.31 25.47
CA VAL A 109 3.86 -4.51 26.34
C VAL A 109 3.10 -3.32 26.88
N LEU A 110 2.43 -2.56 25.99
CA LEU A 110 1.75 -1.36 26.47
C LEU A 110 0.73 -1.71 27.54
N ASP A 111 -0.06 -2.77 27.30
CA ASP A 111 -1.14 -3.10 28.23
C ASP A 111 -0.60 -3.53 29.60
N SER A 112 0.58 -4.17 29.65
CA SER A 112 1.06 -4.72 30.90
C SER A 112 1.63 -3.65 31.82
N VAL A 113 1.93 -2.45 31.29
CA VAL A 113 2.47 -1.36 32.10
C VAL A 113 1.52 -0.16 32.18
N ALA A 114 0.54 -0.07 31.28
CA ALA A 114 -0.38 1.07 31.26
C ALA A 114 -0.98 1.41 32.61
N PRO A 115 -1.43 0.45 33.44
CA PRO A 115 -2.02 0.84 34.73
C PRO A 115 -1.04 1.54 35.66
N LEU A 116 0.26 1.24 35.57
CA LEU A 116 1.22 1.88 36.47
C LEU A 116 1.42 3.37 36.16
N ILE A 117 1.15 3.81 34.94
CA ILE A 117 1.42 5.18 34.54
C ILE A 117 0.18 6.07 34.66
N GLU A 123 -0.47 10.87 24.76
CA GLU A 123 0.99 10.95 24.70
C GLU A 123 1.60 9.55 24.90
N THR A 124 0.77 8.66 25.42
CA THR A 124 1.13 7.28 25.72
C THR A 124 0.40 6.35 24.76
N GLY A 125 1.12 5.40 24.19
CA GLY A 125 0.50 4.47 23.27
C GLY A 125 1.52 3.87 22.33
N LEU A 126 1.03 3.38 21.21
CA LEU A 126 1.86 2.68 20.25
C LEU A 126 2.20 3.61 19.09
N LYS A 127 3.49 3.80 18.83
CA LYS A 127 3.96 4.35 17.57
C LYS A 127 4.07 3.22 16.56
N TRP A 128 3.45 3.41 15.40
CA TRP A 128 3.60 2.41 14.35
C TRP A 128 5.07 2.30 13.94
N PRO A 129 5.61 1.09 13.81
CA PRO A 129 4.84 -0.15 13.91
C PRO A 129 4.57 -0.64 15.35
N ASN A 130 5.62 -0.77 16.14
CA ASN A 130 5.62 -1.61 17.32
C ASN A 130 6.13 -0.95 18.60
N ASP A 131 6.68 0.25 18.54
CA ASP A 131 7.35 0.81 19.71
C ASP A 131 6.33 1.51 20.60
N VAL A 132 6.56 1.43 21.92
CA VAL A 132 5.68 1.98 22.93
C VAL A 132 6.24 3.33 23.39
N LEU A 133 5.46 4.37 23.22
CA LEU A 133 5.83 5.71 23.68
C LEU A 133 5.04 6.07 24.92
N ALA A 134 5.63 6.91 25.75
CA ALA A 134 4.93 7.51 26.87
C ALA A 134 5.49 8.90 27.05
N ARG A 135 4.60 9.89 27.05
CA ARG A 135 4.99 11.29 27.17
C ARG A 135 6.03 11.62 26.11
N GLY A 136 5.85 11.08 24.90
CA GLY A 136 6.77 11.24 23.81
C GLY A 136 8.09 10.50 23.90
N GLY A 137 8.44 9.91 25.04
CA GLY A 137 9.68 9.16 25.14
C GLY A 137 9.45 7.69 24.80
N LYS A 138 10.48 7.04 24.25
CA LYS A 138 10.41 5.61 23.95
C LYS A 138 10.58 4.81 25.24
N LEU A 139 9.47 4.18 25.65
CA LEU A 139 9.35 3.34 26.83
C LEU A 139 9.75 1.89 26.57
N ALA A 140 9.44 1.35 25.39
CA ALA A 140 9.82 -0.02 25.05
C ALA A 140 10.07 -0.12 23.54
N GLY A 141 10.97 -1.00 23.17
CA GLY A 141 11.23 -1.30 21.77
C GLY A 141 10.86 -2.75 21.52
N ILE A 142 10.25 -3.00 20.37
CA ILE A 142 9.88 -4.34 19.91
C ILE A 142 10.67 -4.66 18.64
N LEU A 143 11.18 -5.88 18.54
CA LEU A 143 11.88 -6.33 17.35
C LEU A 143 11.58 -7.79 17.10
N ALA A 144 10.91 -8.09 16.00
CA ALA A 144 10.62 -9.45 15.57
C ALA A 144 11.52 -9.79 14.40
N GLU A 145 12.13 -10.97 14.46
CA GLU A 145 12.97 -11.44 13.38
C GLU A 145 12.52 -12.86 13.04
N VAL A 146 12.95 -13.34 11.87
CA VAL A 146 12.42 -14.56 11.27
C VAL A 146 13.50 -15.64 11.32
N ALA A 147 13.10 -16.85 11.73
CA ALA A 147 13.99 -18.02 11.70
C ALA A 147 13.09 -19.23 11.45
N GLN A 148 12.70 -19.41 10.18
CA GLN A 148 11.66 -20.38 9.81
C GLN A 148 11.93 -21.72 10.47
N PRO A 149 10.89 -22.38 11.05
CA PRO A 149 9.48 -21.97 10.98
C PRO A 149 9.04 -20.94 12.04
N PHE A 150 9.97 -20.17 12.61
CA PHE A 150 9.68 -19.37 13.79
C PHE A 150 9.85 -17.88 13.50
N VAL A 151 9.16 -17.08 14.31
CA VAL A 151 9.51 -15.68 14.52
C VAL A 151 10.03 -15.57 15.94
N VAL A 152 11.11 -14.83 16.11
CA VAL A 152 11.66 -14.49 17.43
C VAL A 152 11.23 -13.07 17.73
N LEU A 153 10.56 -12.90 18.86
CA LEU A 153 9.89 -11.66 19.21
C LEU A 153 10.62 -11.10 20.43
N GLY A 154 11.29 -9.97 20.25
CA GLY A 154 12.12 -9.37 21.30
C GLY A 154 11.45 -8.14 21.87
N VAL A 155 11.55 -7.97 23.19
CA VAL A 155 11.04 -6.81 23.89
C VAL A 155 12.13 -6.25 24.80
N GLY A 156 12.32 -4.95 24.75
CA GLY A 156 13.19 -4.29 25.69
C GLY A 156 12.38 -3.21 26.36
N LEU A 157 12.04 -3.37 27.63
CA LEU A 157 11.15 -2.44 28.33
C LEU A 157 11.93 -1.71 29.41
N ASN A 158 11.98 -0.38 29.30
CA ASN A 158 12.76 0.43 30.24
C ASN A 158 11.99 0.54 31.56
N VAL A 159 12.45 -0.14 32.60
CA VAL A 159 11.73 -0.15 33.86
C VAL A 159 12.28 0.93 34.79
N THR A 160 13.57 0.87 35.10
CA THR A 160 14.22 1.98 35.80
C THR A 160 15.35 2.56 34.96
N GLN A 161 15.36 2.27 33.66
CA GLN A 161 16.46 2.69 32.83
C GLN A 161 16.42 4.20 32.61
N ALA A 162 17.57 4.85 32.82
CA ALA A 162 17.57 6.30 32.70
C ALA A 162 17.99 6.72 31.30
N PRO A 163 17.33 7.77 30.81
CA PRO A 163 17.66 8.27 29.47
C PRO A 163 19.15 8.50 29.31
N GLU A 164 19.81 9.10 30.32
CA GLU A 164 21.24 9.36 30.23
C GLU A 164 22.06 8.08 30.14
N GLU A 165 21.46 6.91 30.44
CA GLU A 165 22.17 5.66 30.31
C GLU A 165 22.11 5.06 28.92
N VAL A 166 21.08 5.38 28.11
CA VAL A 166 20.86 4.60 26.90
C VAL A 166 20.59 5.47 25.67
N ASP A 167 19.84 6.56 25.84
CA ASP A 167 19.34 7.32 24.70
C ASP A 167 18.62 8.59 25.15
N PRO A 168 18.87 9.72 24.47
CA PRO A 168 18.21 10.98 24.89
C PRO A 168 16.69 10.94 24.81
N ASP A 169 16.12 10.23 23.84
CA ASP A 169 14.67 10.15 23.67
C ASP A 169 14.01 9.05 24.48
N ALA A 170 14.74 8.36 25.36
CA ALA A 170 14.16 7.27 26.12
C ALA A 170 13.35 7.78 27.31
N THR A 171 12.38 6.98 27.75
CA THR A 171 11.78 7.13 29.06
C THR A 171 11.65 5.76 29.69
N SER A 172 11.22 5.73 30.95
CA SER A 172 11.07 4.49 31.69
C SER A 172 9.94 4.64 32.68
N LEU A 173 9.56 3.52 33.29
CA LEU A 173 8.49 3.57 34.27
C LEU A 173 8.85 4.51 35.40
N LEU A 174 10.12 4.47 35.83
CA LEU A 174 10.54 5.29 36.97
C LEU A 174 10.51 6.78 36.61
N ASP A 175 10.89 7.12 35.37
CA ASP A 175 10.85 8.51 34.89
C ASP A 175 9.44 9.01 34.59
N LEU A 176 8.49 8.11 34.48
CA LEU A 176 7.09 8.46 34.41
C LEU A 176 6.47 8.50 35.79
N GLY A 177 7.29 8.36 36.83
CA GLY A 177 6.86 8.48 38.20
C GLY A 177 6.43 7.20 38.88
N VAL A 178 6.55 6.04 38.22
CA VAL A 178 6.26 4.79 38.93
C VAL A 178 7.31 4.57 40.00
N ALA A 179 6.84 4.52 41.26
CA ALA A 179 7.64 4.61 42.47
C ALA A 179 8.91 3.75 42.44
N ALA A 180 8.71 2.44 42.56
CA ALA A 180 9.80 1.47 42.54
C ALA A 180 9.26 0.25 41.81
N PRO A 181 9.44 0.20 40.48
CA PRO A 181 8.71 -0.81 39.70
C PRO A 181 9.28 -2.20 39.95
N ASP A 182 8.38 -3.18 39.99
CA ASP A 182 8.73 -4.56 40.38
C ASP A 182 8.80 -5.41 39.11
N ARG A 183 10.03 -5.71 38.67
CA ARG A 183 10.25 -6.38 37.39
C ARG A 183 9.68 -7.79 37.36
N ASN A 184 9.61 -8.46 38.52
CA ASN A 184 8.97 -9.77 38.56
C ASN A 184 7.49 -9.65 38.25
N ARG A 185 6.80 -8.71 38.93
CA ARG A 185 5.38 -8.52 38.65
C ARG A 185 5.18 -8.13 37.19
N ILE A 186 5.96 -7.16 36.71
CA ILE A 186 5.81 -6.66 35.35
C ILE A 186 6.09 -7.76 34.34
N ALA A 187 7.13 -8.57 34.58
CA ALA A 187 7.47 -9.58 33.58
C ALA A 187 6.40 -10.65 33.49
N SER A 188 5.75 -10.96 34.60
CA SER A 188 4.65 -11.90 34.62
C SER A 188 3.43 -11.33 33.90
N ARG A 189 3.05 -10.09 34.23
CA ARG A 189 1.98 -9.44 33.47
C ARG A 189 2.34 -9.34 32.00
N LEU A 190 3.59 -8.97 31.70
CA LEU A 190 4.02 -8.88 30.31
C LEU A 190 3.84 -10.22 29.57
N LEU A 191 4.36 -11.31 30.15
CA LEU A 191 4.33 -12.58 29.43
C LEU A 191 2.93 -13.19 29.39
N ARG A 192 2.08 -12.90 30.38
CA ARG A 192 0.68 -13.31 30.27
C ARG A 192 -0.05 -12.52 29.18
N GLU A 193 0.18 -11.23 29.06
CA GLU A 193 -0.42 -10.42 27.96
C GLU A 193 0.05 -10.90 26.59
N LEU A 194 1.34 -11.21 26.44
CA LEU A 194 1.89 -11.65 25.13
C LEU A 194 1.26 -12.97 24.72
N GLU A 195 1.04 -13.84 25.68
CA GLU A 195 0.46 -15.15 25.38
C GLU A 195 -0.91 -15.05 24.74
N ALA A 196 -1.71 -14.25 25.38
CA ALA A 196 -3.04 -14.06 24.81
C ALA A 196 -2.95 -13.35 23.46
N ARG A 197 -2.06 -12.37 23.33
CA ARG A 197 -1.96 -11.65 22.06
C ARG A 197 -1.47 -12.58 20.96
N ILE A 198 -0.53 -13.47 21.27
CA ILE A 198 -0.04 -14.42 20.27
C ILE A 198 -1.14 -15.38 19.84
N ILE A 199 -1.90 -15.89 20.81
CA ILE A 199 -3.03 -16.77 20.49
C ILE A 199 -4.02 -16.04 19.60
N GLN A 200 -4.32 -14.77 19.93
CA GLN A 200 -5.18 -13.94 19.11
C GLN A 200 -4.66 -13.82 17.68
N TRP A 201 -3.37 -13.52 17.54
CA TRP A 201 -2.77 -13.43 16.20
C TRP A 201 -2.91 -14.73 15.46
N ARG A 202 -2.53 -15.85 16.10
CA ARG A 202 -2.60 -17.13 15.42
C ARG A 202 -4.00 -17.40 14.87
N ASN A 203 -5.03 -16.88 15.53
CA ASN A 203 -6.41 -17.20 15.20
C ASN A 203 -7.12 -16.05 14.49
N ALA A 204 -6.36 -15.07 13.99
CA ALA A 204 -6.87 -13.95 13.22
C ALA A 204 -8.03 -13.24 13.94
N ASN A 205 -7.85 -13.03 15.23
CA ASN A 205 -8.93 -12.48 16.06
C ASN A 205 -9.10 -11.00 15.77
N PRO A 206 -10.26 -10.55 15.26
CA PRO A 206 -10.41 -9.12 14.92
C PRO A 206 -10.18 -8.19 16.11
N GLN A 207 -10.32 -8.69 17.33
CA GLN A 207 -10.09 -7.88 18.51
C GLN A 207 -8.66 -7.35 18.54
N LEU A 208 -7.73 -8.09 17.94
CA LEU A 208 -6.35 -7.62 17.88
C LEU A 208 -6.26 -6.29 17.12
N ALA A 209 -6.87 -6.21 15.94
CA ALA A 209 -6.79 -4.99 15.15
C ALA A 209 -7.54 -3.85 15.81
N ALA A 210 -8.70 -4.17 16.42
CA ALA A 210 -9.47 -3.12 17.08
C ALA A 210 -8.72 -2.60 18.30
N ASP A 211 -8.07 -3.49 19.06
CA ASP A 211 -7.31 -3.05 20.23
C ASP A 211 -6.06 -2.28 19.85
N TYR A 212 -5.42 -2.65 18.73
CA TYR A 212 -4.27 -1.88 18.25
C TYR A 212 -4.69 -0.48 17.87
N ARG A 213 -5.75 -0.37 17.06
CA ARG A 213 -6.25 0.95 16.67
C ARG A 213 -6.63 1.77 17.89
N ALA A 214 -7.20 1.13 18.92
CA ALA A 214 -7.58 1.90 20.10
C ALA A 214 -6.36 2.40 20.88
N ARG A 215 -5.20 1.76 20.75
CA ARG A 215 -4.00 2.15 21.48
C ARG A 215 -2.98 2.95 20.61
N SER A 216 -3.31 3.25 19.37
CA SER A 216 -2.32 3.83 18.44
C SER A 216 -2.13 5.31 18.69
N LEU A 217 -0.89 5.75 18.90
CA LEU A 217 -0.61 7.18 18.89
C LEU A 217 -0.46 7.72 17.47
N THR A 218 -0.27 6.86 16.49
CA THR A 218 0.11 7.30 15.14
C THR A 218 -1.12 7.60 14.27
N ILE A 219 -2.15 6.75 14.33
CA ILE A 219 -3.36 6.98 13.54
C ILE A 219 -3.97 8.30 13.94
N GLY A 220 -4.32 9.11 12.94
CA GLY A 220 -4.84 10.43 13.17
C GLY A 220 -3.81 11.54 13.18
N SER A 221 -2.55 11.23 13.41
CA SER A 221 -1.54 12.27 13.53
C SER A 221 -0.86 12.54 12.20
N ARG A 222 -0.45 13.80 12.02
CA ARG A 222 0.50 14.13 10.98
C ARG A 222 1.82 13.47 11.31
N VAL A 223 2.43 12.84 10.30
CA VAL A 223 3.68 12.13 10.51
C VAL A 223 4.62 12.39 9.34
N ARG A 224 5.91 12.21 9.61
CA ARG A 224 6.92 12.04 8.59
C ARG A 224 7.43 10.61 8.72
N VAL A 225 7.41 9.86 7.62
CA VAL A 225 7.79 8.45 7.66
C VAL A 225 9.10 8.28 6.92
N GLU A 226 10.09 7.76 7.63
CA GLU A 226 11.45 7.57 7.12
C GLU A 226 11.50 6.18 6.49
N LEU A 227 11.46 6.16 5.19
CA LEU A 227 11.39 4.90 4.48
C LEU A 227 12.74 4.20 4.45
N PRO A 228 12.74 2.85 4.45
CA PRO A 228 13.96 2.10 4.16
C PRO A 228 14.61 2.61 2.89
N GLY A 229 15.84 3.12 2.97
CA GLY A 229 16.48 3.76 1.84
C GLY A 229 16.66 5.25 1.99
N GLY A 230 16.16 5.85 3.08
CA GLY A 230 16.40 7.25 3.34
C GLY A 230 15.55 8.22 2.55
N GLN A 231 14.37 7.82 2.12
CA GLN A 231 13.40 8.78 1.63
C GLN A 231 12.36 9.01 2.71
N ASP A 232 11.82 10.22 2.73
CA ASP A 232 10.84 10.64 3.72
C ASP A 232 9.56 10.98 2.99
N VAL A 233 8.44 10.67 3.63
CA VAL A 233 7.12 11.05 3.15
C VAL A 233 6.39 11.67 4.34
N VAL A 234 5.70 12.78 4.09
CA VAL A 234 4.98 13.50 5.11
C VAL A 234 3.51 13.49 4.71
N GLY A 235 2.69 12.85 5.55
CA GLY A 235 1.25 12.81 5.33
C GLY A 235 0.53 12.64 6.65
N ILE A 236 -0.73 12.24 6.62
CA ILE A 236 -1.47 11.98 7.84
C ILE A 236 -1.76 10.48 7.90
N ALA A 237 -1.34 9.84 8.99
CA ALA A 237 -1.61 8.42 9.15
C ALA A 237 -3.10 8.21 9.39
N ARG A 238 -3.75 7.38 8.56
CA ARG A 238 -5.20 7.19 8.64
C ARG A 238 -5.60 5.88 9.29
N ASP A 239 -4.86 4.80 9.04
CA ASP A 239 -5.25 3.49 9.52
C ASP A 239 -4.10 2.52 9.26
N ILE A 240 -4.31 1.28 9.69
CA ILE A 240 -3.50 0.17 9.27
C ILE A 240 -4.39 -0.74 8.42
N ASP A 241 -3.78 -1.49 7.51
CA ASP A 241 -4.58 -2.37 6.67
C ASP A 241 -4.58 -3.79 7.26
N ASP A 242 -5.10 -4.74 6.50
CA ASP A 242 -5.18 -6.13 6.98
C ASP A 242 -3.81 -6.79 7.17
N GLN A 243 -2.73 -6.19 6.67
CA GLN A 243 -1.40 -6.71 6.97
C GLN A 243 -0.68 -5.86 8.02
N GLY A 244 -1.39 -4.98 8.72
CA GLY A 244 -0.73 -4.08 9.64
C GLY A 244 0.17 -3.03 9.02
N ARG A 245 0.00 -2.77 7.73
CA ARG A 245 0.75 -1.72 7.06
C ARG A 245 0.10 -0.37 7.32
N LEU A 246 0.95 0.66 7.44
CA LEU A 246 0.47 2.00 7.77
C LEU A 246 -0.08 2.68 6.52
N CYS A 247 -1.33 3.13 6.61
CA CYS A 247 -2.01 3.83 5.52
C CYS A 247 -1.89 5.35 5.72
N LEU A 248 -1.13 5.99 4.83
CA LEU A 248 -0.88 7.44 4.85
C LEU A 248 -1.76 8.15 3.84
N ASP A 249 -2.31 9.29 4.25
CA ASP A 249 -2.92 10.23 3.31
C ASP A 249 -1.89 11.32 3.03
N VAL A 250 -1.40 11.36 1.80
CA VAL A 250 -0.44 12.37 1.35
C VAL A 250 -1.21 13.31 0.44
N GLY A 251 -1.68 14.42 1.01
CA GLY A 251 -2.44 15.41 0.25
C GLY A 251 -3.49 14.84 -0.66
N GLY A 252 -4.21 13.81 -0.19
CA GLY A 252 -5.27 13.19 -0.96
C GLY A 252 -4.95 11.80 -1.46
N ARG A 253 -3.67 11.49 -1.68
CA ARG A 253 -3.29 10.18 -2.19
C ARG A 253 -2.98 9.22 -1.05
N THR A 254 -3.39 7.98 -1.22
CA THR A 254 -3.12 6.93 -0.25
C THR A 254 -1.76 6.32 -0.51
N VAL A 255 -0.89 6.32 0.50
CA VAL A 255 0.40 5.64 0.44
C VAL A 255 0.41 4.64 1.58
N VAL A 256 0.59 3.36 1.24
CA VAL A 256 0.58 2.28 2.21
C VAL A 256 2.02 1.83 2.47
N VAL A 257 2.48 1.93 3.71
CA VAL A 257 3.89 1.72 4.02
C VAL A 257 4.04 0.43 4.81
N SER A 258 4.86 -0.50 4.28
CA SER A 258 5.12 -1.77 4.97
CA SER A 258 5.13 -1.78 4.95
C SER A 258 6.22 -1.68 6.01
N ALA A 259 7.16 -0.74 5.89
CA ALA A 259 8.26 -0.62 6.85
C ALA A 259 8.67 0.84 6.93
N GLY A 260 9.09 1.28 8.11
CA GLY A 260 9.57 2.64 8.20
C GLY A 260 9.72 3.11 9.64
N ASP A 261 10.25 4.32 9.76
CA ASP A 261 10.41 5.01 11.03
C ASP A 261 9.49 6.22 11.07
N VAL A 262 8.57 6.21 12.00
CA VAL A 262 7.59 7.25 12.11
C VAL A 262 8.09 8.32 13.05
N VAL A 263 7.96 9.57 12.63
CA VAL A 263 8.04 10.71 13.51
C VAL A 263 6.67 11.34 13.53
N HIS A 264 6.14 11.60 14.73
CA HIS A 264 4.89 12.34 14.86
C HIS A 264 5.17 13.83 14.84
N LEU A 265 4.37 14.56 14.09
CA LEU A 265 4.54 15.99 13.92
C LEU A 265 3.38 16.73 14.56
N ARG B 4 -3.57 19.97 -42.11
CA ARG B 4 -3.79 18.65 -41.52
C ARG B 4 -5.31 18.38 -41.37
N ASP B 5 -6.13 19.42 -41.48
CA ASP B 5 -7.58 19.21 -41.47
C ASP B 5 -8.05 18.34 -42.63
N ARG B 6 -7.24 18.22 -43.69
CA ARG B 6 -7.60 17.42 -44.85
C ARG B 6 -7.71 15.94 -44.53
N LEU B 7 -7.16 15.47 -43.40
CA LEU B 7 -7.30 14.07 -43.03
C LEU B 7 -8.23 13.87 -41.84
N ARG B 8 -9.14 14.81 -41.58
CA ARG B 8 -10.09 14.71 -40.48
C ARG B 8 -11.55 14.67 -40.98
N PRO B 9 -11.91 13.66 -41.77
CA PRO B 9 -13.32 13.53 -42.16
C PRO B 9 -14.17 13.24 -40.95
N PRO B 10 -15.44 13.64 -40.97
CA PRO B 10 -16.32 13.38 -39.83
C PRO B 10 -16.63 11.90 -39.67
N LEU B 11 -17.09 11.53 -38.48
CA LEU B 11 -17.54 10.17 -38.21
C LEU B 11 -18.92 9.92 -38.79
N ASP B 12 -19.18 8.65 -39.08
CA ASP B 12 -20.45 8.18 -39.65
C ASP B 12 -21.21 7.46 -38.54
N GLU B 13 -22.13 8.18 -37.90
CA GLU B 13 -22.87 7.64 -36.76
C GLU B 13 -23.69 6.42 -37.16
N ARG B 14 -24.40 6.50 -38.29
CA ARG B 14 -25.23 5.37 -38.71
C ARG B 14 -24.38 4.12 -38.94
N SER B 15 -23.23 4.29 -39.59
CA SER B 15 -22.36 3.15 -39.88
C SER B 15 -21.79 2.53 -38.60
N LEU B 16 -21.28 3.37 -37.67
CA LEU B 16 -20.85 2.84 -36.38
C LEU B 16 -21.97 2.06 -35.70
N ARG B 17 -23.17 2.64 -35.67
CA ARG B 17 -24.30 1.98 -35.03
C ARG B 17 -24.55 0.62 -35.67
N ASP B 18 -24.57 0.59 -37.00
CA ASP B 18 -24.89 -0.65 -37.71
C ASP B 18 -23.89 -1.74 -37.36
N GLN B 19 -22.62 -1.36 -37.17
CA GLN B 19 -21.56 -2.33 -36.93
C GLN B 19 -21.57 -2.82 -35.51
N LEU B 20 -21.88 -1.94 -34.56
CA LEU B 20 -21.67 -2.19 -33.13
C LEU B 20 -22.93 -2.49 -32.34
N ILE B 21 -24.00 -1.73 -32.56
CA ILE B 21 -25.11 -1.69 -31.61
C ILE B 21 -26.01 -2.91 -31.84
N GLY B 22 -25.98 -3.87 -30.92
CA GLY B 22 -26.69 -5.11 -31.06
C GLY B 22 -26.15 -6.06 -32.11
N ALA B 23 -25.05 -5.72 -32.79
CA ALA B 23 -24.51 -6.55 -33.87
C ALA B 23 -23.14 -7.05 -33.45
N GLY B 24 -22.05 -6.41 -33.85
CA GLY B 24 -20.71 -6.83 -33.48
C GLY B 24 -20.27 -6.57 -32.05
N SER B 25 -21.17 -6.10 -31.18
CA SER B 25 -20.81 -5.84 -29.79
C SER B 25 -22.05 -5.95 -28.91
N GLY B 26 -21.84 -5.95 -27.59
CA GLY B 26 -22.88 -5.84 -26.59
C GLY B 26 -23.29 -4.43 -26.23
N TRP B 27 -22.67 -3.43 -26.85
CA TRP B 27 -23.07 -2.05 -26.59
C TRP B 27 -24.52 -1.85 -27.03
N ARG B 28 -25.25 -1.05 -26.25
CA ARG B 28 -26.69 -0.93 -26.37
C ARG B 28 -27.15 0.35 -27.03
N GLN B 29 -26.31 1.39 -27.06
CA GLN B 29 -26.70 2.66 -27.64
C GLN B 29 -25.44 3.43 -27.96
N LEU B 30 -25.48 4.18 -29.06
CA LEU B 30 -24.34 4.95 -29.51
C LEU B 30 -24.84 6.25 -30.11
N ASP B 31 -24.24 7.36 -29.69
CA ASP B 31 -24.53 8.66 -30.26
C ASP B 31 -23.21 9.36 -30.52
N VAL B 32 -23.13 10.05 -31.65
CA VAL B 32 -22.05 10.97 -31.96
C VAL B 32 -22.61 12.39 -31.84
N VAL B 33 -22.03 13.17 -30.94
CA VAL B 33 -22.32 14.60 -30.87
C VAL B 33 -21.16 15.36 -31.50
N ALA B 34 -21.47 16.51 -32.09
CA ALA B 34 -20.44 17.29 -32.79
C ALA B 34 -19.54 18.00 -31.80
N GLN B 35 -20.11 18.46 -30.69
CA GLN B 35 -19.36 19.24 -29.73
C GLN B 35 -20.03 19.09 -28.38
N THR B 36 -19.24 18.83 -27.36
CA THR B 36 -19.72 18.94 -25.99
C THR B 36 -18.55 19.38 -25.14
N GLY B 37 -18.82 19.59 -23.85
CA GLY B 37 -17.79 20.00 -22.92
C GLY B 37 -16.98 18.81 -22.47
N SER B 38 -17.66 17.74 -22.09
CA SER B 38 -16.98 16.52 -21.67
C SER B 38 -17.95 15.36 -21.87
N THR B 39 -17.52 14.33 -22.60
CA THR B 39 -18.40 13.17 -22.74
C THR B 39 -18.55 12.41 -21.43
N ASN B 40 -17.54 12.49 -20.54
CA ASN B 40 -17.69 11.92 -19.21
C ASN B 40 -18.77 12.68 -18.44
N ALA B 41 -18.69 14.00 -18.45
CA ALA B 41 -19.70 14.82 -17.80
C ALA B 41 -21.10 14.50 -18.31
N ASP B 42 -21.24 14.41 -19.64
CA ASP B 42 -22.55 14.22 -20.25
C ASP B 42 -23.19 12.90 -19.83
N LEU B 43 -22.41 11.82 -19.76
CA LEU B 43 -22.99 10.56 -19.31
C LEU B 43 -23.24 10.54 -17.81
N LEU B 44 -22.39 11.18 -17.00
CA LEU B 44 -22.71 11.26 -15.58
C LEU B 44 -23.98 12.07 -15.36
N ALA B 45 -24.18 13.14 -16.13
CA ALA B 45 -25.41 13.91 -15.99
C ALA B 45 -26.61 13.06 -16.42
N ARG B 46 -26.47 12.32 -17.51
CA ARG B 46 -27.52 11.39 -17.90
C ARG B 46 -27.90 10.46 -16.75
N ALA B 47 -26.90 9.89 -16.07
CA ALA B 47 -27.18 8.93 -15.01
C ALA B 47 -27.80 9.61 -13.79
N ALA B 48 -27.33 10.81 -13.46
CA ALA B 48 -27.90 11.55 -12.34
C ALA B 48 -29.34 11.97 -12.62
N SER B 49 -29.72 12.04 -13.88
CA SER B 49 -31.10 12.33 -14.27
C SER B 49 -31.99 11.09 -14.21
N GLY B 50 -31.46 9.95 -13.75
CA GLY B 50 -32.23 8.74 -13.58
C GLY B 50 -32.07 7.70 -14.69
N ALA B 51 -31.55 8.10 -15.85
CA ALA B 51 -31.41 7.19 -16.98
C ALA B 51 -30.40 6.06 -16.69
N ASP B 52 -30.62 4.92 -17.35
CA ASP B 52 -29.68 3.79 -17.30
C ASP B 52 -28.63 4.02 -18.38
N ILE B 53 -27.36 4.10 -17.98
CA ILE B 53 -26.28 4.30 -18.95
C ILE B 53 -25.41 3.05 -19.11
N ASP B 54 -25.83 1.92 -18.54
CA ASP B 54 -25.04 0.71 -18.74
C ASP B 54 -25.09 0.32 -20.22
N GLY B 55 -23.92 0.17 -20.84
CA GLY B 55 -23.86 -0.18 -22.25
C GLY B 55 -24.13 0.97 -23.19
N VAL B 56 -24.04 2.21 -22.72
CA VAL B 56 -24.33 3.39 -23.53
C VAL B 56 -23.01 4.04 -23.95
N VAL B 57 -22.89 4.35 -25.24
CA VAL B 57 -21.68 4.98 -25.82
C VAL B 57 -22.02 6.39 -26.26
N LEU B 58 -21.17 7.35 -25.88
CA LEU B 58 -21.22 8.74 -26.38
C LEU B 58 -19.88 9.06 -27.00
N ILE B 59 -19.90 9.52 -28.25
CA ILE B 59 -18.70 9.95 -28.96
C ILE B 59 -18.86 11.42 -29.33
N ALA B 60 -17.80 12.21 -29.18
CA ALA B 60 -17.85 13.64 -29.51
C ALA B 60 -16.80 13.99 -30.55
N GLU B 61 -17.22 14.64 -31.63
CA GLU B 61 -16.25 15.09 -32.61
C GLU B 61 -15.32 16.15 -32.05
N HIS B 62 -15.77 16.88 -31.04
CA HIS B 62 -14.94 17.90 -30.44
C HIS B 62 -15.33 18.01 -28.98
N GLN B 63 -14.33 18.21 -28.12
CA GLN B 63 -14.53 18.34 -26.69
C GLN B 63 -13.76 19.55 -26.19
N THR B 64 -14.46 20.49 -25.57
CA THR B 64 -13.88 21.79 -25.23
C THR B 64 -13.59 21.96 -23.74
N ALA B 65 -14.07 21.08 -22.87
CA ALA B 65 -13.82 21.17 -21.44
C ALA B 65 -13.42 19.81 -20.89
N GLY B 66 -12.45 19.16 -21.57
CA GLY B 66 -12.11 17.80 -21.23
C GLY B 66 -11.48 17.66 -19.86
N ARG B 67 -11.75 16.52 -19.21
CA ARG B 67 -11.27 16.23 -17.88
C ARG B 67 -10.14 15.22 -17.94
N GLY B 68 -9.09 15.44 -17.14
CA GLY B 68 -8.09 14.45 -16.86
C GLY B 68 -8.22 13.90 -15.46
N ARG B 69 -7.14 13.30 -14.97
CA ARG B 69 -7.10 12.80 -13.61
C ARG B 69 -6.44 13.82 -12.70
N HIS B 70 -6.76 13.74 -11.40
CA HIS B 70 -6.13 14.59 -10.39
C HIS B 70 -6.38 16.06 -10.63
N GLY B 71 -7.55 16.40 -11.16
CA GLY B 71 -7.87 17.78 -11.45
C GLY B 71 -7.29 18.32 -12.74
N ARG B 72 -6.52 17.52 -13.49
CA ARG B 72 -6.00 18.04 -14.74
C ARG B 72 -7.09 17.99 -15.84
N GLY B 73 -6.83 18.69 -16.94
CA GLY B 73 -7.72 18.71 -18.09
C GLY B 73 -7.20 17.84 -19.22
N TRP B 74 -7.87 17.95 -20.37
CA TRP B 74 -7.54 17.22 -21.58
C TRP B 74 -7.95 18.08 -22.77
N ALA B 75 -7.04 18.34 -23.68
CA ALA B 75 -7.31 19.21 -24.81
C ALA B 75 -7.51 18.39 -26.08
N ALA B 76 -8.28 18.97 -27.00
CA ALA B 76 -8.59 18.37 -28.28
C ALA B 76 -8.93 19.47 -29.26
N THR B 77 -8.77 19.15 -30.55
CA THR B 77 -9.35 19.91 -31.65
C THR B 77 -10.32 19.00 -32.40
N ALA B 78 -11.26 19.62 -33.13
CA ALA B 78 -12.35 18.88 -33.76
C ALA B 78 -11.84 17.82 -34.74
N ARG B 79 -12.38 16.60 -34.63
CA ARG B 79 -12.16 15.48 -35.55
C ARG B 79 -10.74 14.94 -35.48
N ALA B 80 -9.91 15.39 -34.54
CA ALA B 80 -8.52 14.97 -34.48
C ALA B 80 -8.32 13.76 -33.58
N GLN B 81 -9.25 13.53 -32.68
CA GLN B 81 -9.17 12.46 -31.70
C GLN B 81 -10.38 11.54 -31.82
N ILE B 82 -10.25 10.34 -31.27
CA ILE B 82 -11.42 9.57 -30.90
C ILE B 82 -11.68 9.84 -29.42
N ILE B 83 -12.78 10.56 -29.16
CA ILE B 83 -13.18 11.05 -27.84
C ILE B 83 -14.47 10.35 -27.51
N LEU B 84 -14.43 9.37 -26.60
CA LEU B 84 -15.67 8.69 -26.25
C LEU B 84 -15.69 8.41 -24.76
N SER B 85 -16.92 8.23 -24.25
CA SER B 85 -17.19 7.69 -22.93
C SER B 85 -18.21 6.55 -23.05
N VAL B 86 -18.15 5.58 -22.13
CA VAL B 86 -19.15 4.53 -22.07
C VAL B 86 -19.61 4.37 -20.62
N GLY B 87 -20.85 3.94 -20.44
CA GLY B 87 -21.36 3.63 -19.12
C GLY B 87 -21.26 2.14 -18.82
N VAL B 88 -20.83 1.83 -17.60
CA VAL B 88 -20.68 0.47 -17.11
C VAL B 88 -21.32 0.39 -15.71
N ARG B 89 -22.32 -0.47 -15.57
CA ARG B 89 -22.86 -0.78 -14.25
C ARG B 89 -21.86 -1.63 -13.48
N VAL B 90 -21.47 -1.19 -12.29
CA VAL B 90 -20.33 -1.77 -11.57
C VAL B 90 -20.69 -2.39 -10.23
N VAL B 91 -21.90 -2.14 -9.69
CA VAL B 91 -22.18 -2.56 -8.31
C VAL B 91 -22.12 -4.06 -8.11
N ASP B 92 -22.21 -4.83 -9.18
CA ASP B 92 -22.08 -6.27 -9.09
C ASP B 92 -20.67 -6.72 -8.69
N VAL B 93 -19.66 -5.87 -8.84
CA VAL B 93 -18.25 -6.22 -8.61
C VAL B 93 -17.74 -5.61 -7.31
N PRO B 94 -17.01 -6.35 -6.48
CA PRO B 94 -16.53 -5.79 -5.21
C PRO B 94 -15.74 -4.49 -5.43
N VAL B 95 -15.93 -3.55 -4.50
CA VAL B 95 -15.40 -2.20 -4.70
C VAL B 95 -13.88 -2.22 -4.81
N GLN B 96 -13.22 -3.18 -4.15
CA GLN B 96 -11.76 -3.33 -4.27
C GLN B 96 -11.31 -3.41 -5.74
N ALA B 97 -12.10 -4.07 -6.58
CA ALA B 97 -11.70 -4.30 -7.96
C ALA B 97 -11.92 -3.12 -8.89
N TRP B 98 -12.62 -2.06 -8.46
CA TRP B 98 -13.05 -1.06 -9.43
C TRP B 98 -11.87 -0.30 -10.03
N GLY B 99 -10.76 -0.22 -9.32
CA GLY B 99 -9.56 0.42 -9.87
C GLY B 99 -9.05 -0.25 -11.12
N TRP B 100 -9.37 -1.52 -11.33
CA TRP B 100 -8.92 -2.24 -12.51
C TRP B 100 -9.64 -1.84 -13.77
N LEU B 101 -10.75 -1.08 -13.68
CA LEU B 101 -11.45 -0.66 -14.90
C LEU B 101 -10.62 0.28 -15.74
N SER B 102 -10.06 1.34 -15.12
CA SER B 102 -9.17 2.23 -15.86
C SER B 102 -8.02 1.45 -16.49
N LEU B 103 -7.32 0.64 -15.69
CA LEU B 103 -6.25 -0.20 -16.22
C LEU B 103 -6.76 -1.03 -17.38
N ALA B 104 -7.94 -1.64 -17.22
CA ALA B 104 -8.51 -2.46 -18.28
C ALA B 104 -8.76 -1.62 -19.53
N ALA B 105 -9.20 -0.36 -19.36
CA ALA B 105 -9.46 0.43 -20.55
C ALA B 105 -8.17 0.83 -21.25
N GLY B 106 -7.09 1.02 -20.48
CA GLY B 106 -5.81 1.31 -21.10
C GLY B 106 -5.35 0.17 -21.97
N LEU B 107 -5.57 -1.07 -21.49
CA LEU B 107 -5.25 -2.25 -22.29
C LEU B 107 -6.04 -2.27 -23.58
N ALA B 108 -7.35 -1.98 -23.50
CA ALA B 108 -8.20 -1.98 -24.69
C ALA B 108 -7.73 -0.95 -25.71
N VAL B 109 -7.36 0.25 -25.23
CA VAL B 109 -6.89 1.25 -26.18
C VAL B 109 -5.59 0.81 -26.83
N LEU B 110 -4.69 0.23 -26.04
CA LEU B 110 -3.41 -0.23 -26.59
C LEU B 110 -3.62 -1.38 -27.58
N ASP B 111 -4.47 -2.35 -27.24
CA ASP B 111 -4.67 -3.49 -28.13
C ASP B 111 -5.32 -3.07 -29.44
N SER B 112 -6.10 -2.00 -29.44
CA SER B 112 -6.80 -1.64 -30.68
C SER B 112 -5.88 -0.94 -31.67
N VAL B 113 -4.88 -0.18 -31.18
CA VAL B 113 -3.93 0.53 -32.04
C VAL B 113 -2.63 -0.24 -32.26
N ALA B 114 -2.38 -1.30 -31.49
CA ALA B 114 -1.11 -2.02 -31.63
C ALA B 114 -0.95 -2.61 -33.03
N PRO B 115 -1.93 -3.34 -33.59
CA PRO B 115 -1.76 -3.85 -34.96
C PRO B 115 -1.71 -2.77 -36.02
N LEU B 116 -1.72 -1.48 -35.63
CA LEU B 116 -1.86 -0.41 -36.60
C LEU B 116 -0.62 0.41 -36.82
N ILE B 117 0.30 0.44 -35.88
CA ILE B 117 1.44 1.34 -35.93
C ILE B 117 2.72 0.54 -36.15
N ALA B 118 3.64 1.12 -36.92
CA ALA B 118 4.89 0.47 -37.28
C ALA B 118 5.98 0.65 -36.23
N VAL B 119 5.60 0.78 -34.96
CA VAL B 119 6.55 0.94 -33.87
C VAL B 119 6.80 -0.44 -33.26
N PRO B 120 8.04 -0.76 -32.89
CA PRO B 120 8.30 -2.01 -32.18
C PRO B 120 7.34 -2.17 -31.01
N PRO B 121 6.63 -3.31 -30.91
CA PRO B 121 5.69 -3.49 -29.81
C PRO B 121 6.28 -3.26 -28.42
N ALA B 122 7.53 -3.67 -28.18
CA ALA B 122 8.15 -3.43 -26.88
C ALA B 122 8.37 -1.95 -26.57
N GLU B 123 8.18 -1.05 -27.54
CA GLU B 123 8.36 0.39 -27.34
C GLU B 123 7.05 1.10 -27.01
N THR B 124 5.98 0.34 -26.83
CA THR B 124 4.66 0.86 -26.54
C THR B 124 4.15 0.15 -25.30
N GLY B 125 3.15 0.75 -24.67
CA GLY B 125 2.60 0.10 -23.50
C GLY B 125 1.89 1.10 -22.62
N LEU B 126 1.63 0.68 -21.40
CA LEU B 126 0.78 1.42 -20.48
C LEU B 126 1.67 2.06 -19.44
N LYS B 127 1.52 3.35 -19.23
CA LYS B 127 2.11 3.94 -18.04
C LYS B 127 1.02 4.00 -16.97
N TRP B 128 1.38 3.54 -15.80
CA TRP B 128 0.40 3.45 -14.74
C TRP B 128 -0.02 4.84 -14.29
N PRO B 129 -1.31 5.07 -14.07
CA PRO B 129 -2.33 4.00 -14.21
C PRO B 129 -2.93 3.87 -15.63
N ASN B 130 -3.53 4.94 -16.17
CA ASN B 130 -4.20 4.88 -17.47
C ASN B 130 -3.66 5.99 -18.39
N ASP B 131 -2.46 5.76 -18.93
CA ASP B 131 -1.93 6.54 -20.04
C ASP B 131 -1.28 5.56 -21.02
N VAL B 132 -1.52 5.74 -22.30
CA VAL B 132 -0.95 4.88 -23.34
C VAL B 132 0.19 5.62 -23.99
N LEU B 133 1.36 5.00 -24.02
CA LEU B 133 2.57 5.61 -24.56
C LEU B 133 3.04 4.85 -25.79
N ALA B 134 3.54 5.59 -26.76
CA ALA B 134 4.19 4.99 -27.92
C ALA B 134 5.47 5.77 -28.20
N ARG B 135 6.61 5.10 -28.10
CA ARG B 135 7.93 5.77 -28.16
C ARG B 135 7.95 7.04 -27.31
N GLY B 136 7.55 6.90 -26.04
CA GLY B 136 7.65 8.00 -25.09
C GLY B 136 6.56 9.04 -25.14
N GLY B 137 5.81 9.14 -26.25
CA GLY B 137 4.75 10.12 -26.36
C GLY B 137 3.39 9.59 -25.91
N LYS B 138 2.55 10.49 -25.40
CA LYS B 138 1.25 10.10 -24.84
C LYS B 138 0.25 10.00 -25.99
N LEU B 139 -0.08 8.77 -26.35
CA LEU B 139 -0.98 8.52 -27.47
C LEU B 139 -2.44 8.68 -27.09
N ALA B 140 -2.81 8.30 -25.87
CA ALA B 140 -4.17 8.43 -25.41
C ALA B 140 -4.20 8.59 -23.90
N GLY B 141 -5.29 9.15 -23.41
CA GLY B 141 -5.55 9.21 -21.99
C GLY B 141 -6.90 8.60 -21.65
N ILE B 142 -6.94 7.93 -20.50
CA ILE B 142 -8.13 7.24 -20.01
C ILE B 142 -8.50 7.81 -18.65
N LEU B 143 -9.81 7.95 -18.43
CA LEU B 143 -10.31 8.50 -17.17
C LEU B 143 -11.61 7.82 -16.77
N ALA B 144 -11.63 7.19 -15.60
CA ALA B 144 -12.84 6.56 -15.10
C ALA B 144 -13.43 7.44 -14.00
N GLU B 145 -14.75 7.60 -14.03
CA GLU B 145 -15.44 8.37 -13.00
C GLU B 145 -16.64 7.58 -12.51
N VAL B 146 -16.88 7.66 -11.21
CA VAL B 146 -17.81 6.77 -10.52
C VAL B 146 -19.09 7.55 -10.24
N ALA B 147 -20.24 6.89 -10.45
CA ALA B 147 -21.56 7.43 -10.10
C ALA B 147 -22.47 6.21 -9.93
N GLN B 148 -22.42 5.64 -8.74
CA GLN B 148 -23.03 4.34 -8.53
C GLN B 148 -24.49 4.37 -8.99
N PRO B 149 -25.00 3.28 -9.56
CA PRO B 149 -24.36 1.99 -9.82
C PRO B 149 -23.33 1.93 -11.00
N PHE B 150 -22.93 3.09 -11.50
CA PHE B 150 -22.17 3.17 -12.74
C PHE B 150 -20.77 3.70 -12.52
N VAL B 151 -19.88 3.28 -13.41
CA VAL B 151 -18.67 4.00 -13.74
C VAL B 151 -18.80 4.47 -15.18
N VAL B 152 -18.28 5.66 -15.46
CA VAL B 152 -18.18 6.16 -16.81
C VAL B 152 -16.71 6.08 -17.21
N LEU B 153 -16.42 5.30 -18.25
CA LEU B 153 -15.06 5.18 -18.79
C LEU B 153 -14.88 6.09 -19.99
N GLY B 154 -13.90 6.98 -19.92
CA GLY B 154 -13.63 7.93 -21.00
C GLY B 154 -12.27 7.69 -21.63
N VAL B 155 -12.23 7.75 -22.95
CA VAL B 155 -11.02 7.57 -23.73
C VAL B 155 -10.84 8.79 -24.64
N GLY B 156 -9.64 9.35 -24.63
CA GLY B 156 -9.26 10.32 -25.65
C GLY B 156 -8.04 9.81 -26.38
N LEU B 157 -8.22 9.40 -27.64
CA LEU B 157 -7.19 8.76 -28.45
C LEU B 157 -6.76 9.73 -29.55
N ASN B 158 -5.48 10.14 -29.55
CA ASN B 158 -4.99 11.07 -30.57
C ASN B 158 -4.85 10.34 -31.91
N VAL B 159 -5.68 10.70 -32.88
CA VAL B 159 -5.66 9.95 -34.15
C VAL B 159 -4.79 10.70 -35.16
N THR B 160 -5.15 11.96 -35.45
CA THR B 160 -4.30 12.86 -36.23
C THR B 160 -3.94 14.13 -35.46
N GLN B 161 -4.14 14.12 -34.15
CA GLN B 161 -3.88 15.29 -33.32
C GLN B 161 -2.39 15.65 -33.34
N ALA B 162 -2.11 16.92 -33.52
CA ALA B 162 -0.72 17.32 -33.45
C ALA B 162 -0.34 17.70 -32.02
N PRO B 163 0.92 17.49 -31.64
CA PRO B 163 1.38 18.03 -30.34
C PRO B 163 1.13 19.51 -30.18
N GLU B 164 1.10 20.31 -31.26
CA GLU B 164 1.09 21.74 -31.03
C GLU B 164 -0.31 22.21 -30.66
N GLU B 165 -1.31 21.34 -30.83
CA GLU B 165 -2.70 21.66 -30.56
C GLU B 165 -3.15 21.26 -29.16
N VAL B 166 -2.40 20.39 -28.47
CA VAL B 166 -2.93 19.79 -27.24
C VAL B 166 -1.92 19.72 -26.10
N ASP B 167 -0.71 19.26 -26.41
CA ASP B 167 0.33 19.05 -25.41
C ASP B 167 1.62 18.63 -26.09
N PRO B 168 2.78 19.11 -25.63
CA PRO B 168 4.04 18.76 -26.30
C PRO B 168 4.47 17.32 -26.06
N ASP B 169 3.97 16.67 -25.01
CA ASP B 169 4.26 15.26 -24.77
C ASP B 169 3.39 14.35 -25.63
N ALA B 170 2.48 14.91 -26.41
CA ALA B 170 1.51 14.13 -27.17
C ALA B 170 2.13 13.51 -28.42
N THR B 171 1.59 12.35 -28.78
CA THR B 171 1.80 11.74 -30.09
C THR B 171 0.43 11.30 -30.63
N SER B 172 0.41 10.85 -31.87
CA SER B 172 -0.83 10.43 -32.51
C SER B 172 -0.51 9.27 -33.45
N LEU B 173 -1.57 8.57 -33.87
CA LEU B 173 -1.40 7.48 -34.81
C LEU B 173 -0.73 7.96 -36.09
N LEU B 174 -1.16 9.13 -36.60
CA LEU B 174 -0.51 9.73 -37.76
C LEU B 174 1.00 9.83 -37.55
N ASP B 175 1.39 10.58 -36.51
CA ASP B 175 2.79 10.77 -36.18
C ASP B 175 3.54 9.45 -35.94
N LEU B 176 2.84 8.38 -35.57
CA LEU B 176 3.46 7.06 -35.50
C LEU B 176 3.36 6.30 -36.80
N GLY B 177 3.13 6.98 -37.92
CA GLY B 177 3.13 6.31 -39.20
C GLY B 177 1.86 5.52 -39.49
N VAL B 178 0.71 6.13 -39.23
CA VAL B 178 -0.55 5.70 -39.83
C VAL B 178 -0.91 6.78 -40.85
N ALA B 179 -0.80 6.45 -42.13
CA ALA B 179 -0.77 7.46 -43.18
C ALA B 179 -2.09 8.23 -43.27
N ALA B 180 -3.22 7.51 -43.31
CA ALA B 180 -4.54 8.13 -43.37
C ALA B 180 -5.47 7.35 -42.45
N PRO B 181 -5.36 7.57 -41.14
CA PRO B 181 -6.13 6.76 -40.18
C PRO B 181 -7.62 6.88 -40.40
N ASP B 182 -8.34 5.76 -40.25
CA ASP B 182 -9.80 5.74 -40.36
C ASP B 182 -10.42 5.70 -38.97
N ARG B 183 -11.01 6.83 -38.55
CA ARG B 183 -11.61 6.91 -37.23
C ARG B 183 -12.82 6.00 -37.08
N ASN B 184 -13.57 5.75 -38.16
CA ASN B 184 -14.69 4.82 -38.06
C ASN B 184 -14.19 3.43 -37.73
N ARG B 185 -13.17 2.96 -38.46
CA ARG B 185 -12.60 1.64 -38.22
C ARG B 185 -11.90 1.57 -36.88
N ILE B 186 -11.26 2.66 -36.45
CA ILE B 186 -10.56 2.63 -35.17
C ILE B 186 -11.53 2.68 -34.02
N ALA B 187 -12.53 3.56 -34.11
CA ALA B 187 -13.55 3.63 -33.06
C ALA B 187 -14.21 2.27 -32.86
N SER B 188 -14.62 1.61 -33.95
CA SER B 188 -15.35 0.36 -33.77
C SER B 188 -14.46 -0.72 -33.17
N ARG B 189 -13.20 -0.76 -33.61
CA ARG B 189 -12.22 -1.66 -33.01
C ARG B 189 -12.04 -1.36 -31.52
N LEU B 190 -11.95 -0.08 -31.15
CA LEU B 190 -11.75 0.28 -29.76
C LEU B 190 -12.95 -0.17 -28.91
N LEU B 191 -14.16 0.08 -29.39
CA LEU B 191 -15.36 -0.30 -28.64
C LEU B 191 -15.46 -1.81 -28.49
N ARG B 192 -15.04 -2.58 -29.49
CA ARG B 192 -15.03 -4.03 -29.33
CA ARG B 192 -15.02 -4.03 -29.34
C ARG B 192 -14.00 -4.46 -28.29
N GLU B 193 -12.80 -3.86 -28.33
CA GLU B 193 -11.76 -4.17 -27.34
C GLU B 193 -12.18 -3.77 -25.93
N LEU B 194 -12.68 -2.55 -25.76
CA LEU B 194 -13.22 -2.14 -24.47
C LEU B 194 -14.24 -3.16 -23.97
N GLU B 195 -15.18 -3.58 -24.82
CA GLU B 195 -16.15 -4.57 -24.37
C GLU B 195 -15.45 -5.82 -23.85
N ALA B 196 -14.45 -6.31 -24.59
CA ALA B 196 -13.74 -7.51 -24.16
C ALA B 196 -13.11 -7.32 -22.79
N ARG B 197 -12.42 -6.19 -22.60
CA ARG B 197 -11.71 -6.01 -21.33
C ARG B 197 -12.68 -5.79 -20.17
N ILE B 198 -13.78 -5.07 -20.41
CA ILE B 198 -14.78 -4.88 -19.36
C ILE B 198 -15.31 -6.23 -18.91
N ILE B 199 -15.60 -7.10 -19.87
CA ILE B 199 -16.22 -8.38 -19.54
C ILE B 199 -15.27 -9.21 -18.69
N GLN B 200 -13.97 -9.20 -19.02
CA GLN B 200 -13.08 -10.00 -18.21
C GLN B 200 -12.82 -9.34 -16.85
N TRP B 201 -12.93 -8.03 -16.78
CA TRP B 201 -12.89 -7.38 -15.47
C TRP B 201 -14.07 -7.83 -14.62
N ARG B 202 -15.28 -7.77 -15.19
CA ARG B 202 -16.49 -8.19 -14.49
C ARG B 202 -16.37 -9.61 -13.96
N ASN B 203 -15.70 -10.47 -14.71
CA ASN B 203 -15.65 -11.90 -14.42
C ASN B 203 -14.43 -12.27 -13.59
N ALA B 204 -13.65 -11.30 -13.14
CA ALA B 204 -12.39 -11.57 -12.45
C ALA B 204 -11.51 -12.51 -13.27
N ASN B 205 -11.54 -12.33 -14.59
CA ASN B 205 -10.71 -13.15 -15.46
C ASN B 205 -9.26 -12.75 -15.25
N PRO B 206 -8.38 -13.69 -14.84
CA PRO B 206 -7.01 -13.30 -14.50
C PRO B 206 -6.18 -12.86 -15.69
N GLN B 207 -6.60 -13.16 -16.92
CA GLN B 207 -5.90 -12.67 -18.11
C GLN B 207 -5.86 -11.14 -18.18
N LEU B 208 -6.73 -10.47 -17.41
CA LEU B 208 -6.68 -9.00 -17.33
C LEU B 208 -5.41 -8.54 -16.64
N ALA B 209 -5.21 -8.99 -15.40
CA ALA B 209 -4.02 -8.55 -14.66
C ALA B 209 -2.76 -9.08 -15.33
N ALA B 210 -2.84 -10.30 -15.88
CA ALA B 210 -1.70 -10.85 -16.62
C ALA B 210 -1.33 -9.95 -17.78
N ASP B 211 -2.31 -9.62 -18.62
CA ASP B 211 -2.01 -8.83 -19.82
C ASP B 211 -1.53 -7.44 -19.47
N TYR B 212 -2.11 -6.84 -18.42
CA TYR B 212 -1.69 -5.50 -18.05
C TYR B 212 -0.23 -5.49 -17.61
N ARG B 213 0.16 -6.47 -16.80
CA ARG B 213 1.54 -6.54 -16.34
C ARG B 213 2.49 -6.77 -17.50
N ALA B 214 2.06 -7.52 -18.51
CA ALA B 214 2.93 -7.80 -19.65
C ALA B 214 3.13 -6.56 -20.52
N ARG B 215 2.11 -5.71 -20.66
CA ARG B 215 2.22 -4.52 -21.50
C ARG B 215 2.49 -3.25 -20.70
N SER B 216 2.72 -3.36 -19.40
CA SER B 216 3.04 -2.19 -18.60
C SER B 216 4.44 -1.70 -18.93
N LEU B 217 4.58 -0.38 -19.10
CA LEU B 217 5.91 0.20 -19.19
C LEU B 217 6.42 0.67 -17.83
N THR B 218 5.53 0.80 -16.85
CA THR B 218 5.93 1.17 -15.50
C THR B 218 6.58 -0.02 -14.76
N ILE B 219 5.97 -1.20 -14.85
CA ILE B 219 6.46 -2.36 -14.12
C ILE B 219 7.85 -2.75 -14.60
N GLY B 220 8.76 -2.99 -13.65
CA GLY B 220 10.15 -3.28 -13.95
C GLY B 220 11.02 -2.05 -14.11
N SER B 221 10.44 -0.86 -14.02
CA SER B 221 11.19 0.37 -14.18
C SER B 221 11.43 1.01 -12.84
N ARG B 222 12.59 1.64 -12.69
N ARG B 222 12.59 1.65 -12.71
CA ARG B 222 12.76 2.61 -11.62
CA ARG B 222 12.80 2.64 -11.66
C ARG B 222 11.87 3.79 -11.95
C ARG B 222 11.88 3.82 -11.95
N VAL B 223 11.02 4.18 -11.00
CA VAL B 223 10.03 5.22 -11.23
C VAL B 223 10.02 6.20 -10.08
N ARG B 224 9.51 7.37 -10.38
CA ARG B 224 9.39 8.45 -9.42
C ARG B 224 7.91 8.77 -9.35
N VAL B 225 7.33 8.61 -8.19
CA VAL B 225 5.90 8.85 -8.01
C VAL B 225 5.77 10.23 -7.39
N GLU B 226 5.19 11.12 -8.18
CA GLU B 226 4.97 12.50 -7.76
C GLU B 226 3.73 12.55 -6.90
N LEU B 227 3.89 13.02 -5.66
CA LEU B 227 2.87 13.19 -4.64
C LEU B 227 2.74 14.67 -4.28
N PRO B 228 1.57 15.09 -3.83
CA PRO B 228 1.37 16.52 -3.52
C PRO B 228 2.34 17.01 -2.44
N GLY B 229 2.72 18.28 -2.55
CA GLY B 229 3.53 18.91 -1.51
C GLY B 229 5.01 18.72 -1.62
N GLY B 230 5.55 18.58 -2.84
CA GLY B 230 6.96 18.28 -2.98
C GLY B 230 7.35 16.88 -2.55
N GLN B 231 6.39 16.04 -2.21
CA GLN B 231 6.68 14.68 -1.80
C GLN B 231 6.95 13.84 -3.04
N ASP B 232 8.10 13.19 -3.10
CA ASP B 232 8.41 12.25 -4.17
C ASP B 232 8.99 10.97 -3.58
N VAL B 233 8.52 9.83 -4.08
CA VAL B 233 9.02 8.51 -3.68
C VAL B 233 9.59 7.84 -4.92
N VAL B 234 10.84 7.43 -4.86
CA VAL B 234 11.52 6.73 -5.95
C VAL B 234 11.66 5.26 -5.57
N GLY B 235 11.22 4.36 -6.44
CA GLY B 235 11.42 2.94 -6.24
C GLY B 235 11.35 2.24 -7.57
N ILE B 236 11.48 0.90 -7.54
CA ILE B 236 11.26 0.06 -8.72
C ILE B 236 9.81 -0.40 -8.66
N ALA B 237 9.04 -0.12 -9.70
CA ALA B 237 7.68 -0.63 -9.77
C ALA B 237 7.74 -2.14 -9.98
N ARG B 238 7.33 -2.90 -8.97
CA ARG B 238 7.36 -4.37 -9.03
C ARG B 238 6.05 -4.97 -9.49
N ASP B 239 4.91 -4.41 -9.09
CA ASP B 239 3.65 -5.07 -9.43
C ASP B 239 2.49 -4.11 -9.20
N ILE B 240 1.31 -4.57 -9.58
CA ILE B 240 0.05 -3.89 -9.34
C ILE B 240 -0.71 -4.80 -8.40
N ASP B 241 -1.34 -4.23 -7.39
CA ASP B 241 -1.97 -5.10 -6.43
C ASP B 241 -3.41 -5.39 -6.88
N ASP B 242 -4.15 -6.09 -6.03
CA ASP B 242 -5.52 -6.51 -6.31
C ASP B 242 -6.50 -5.34 -6.44
N GLN B 243 -6.16 -4.17 -5.92
CA GLN B 243 -7.01 -3.00 -6.10
C GLN B 243 -6.59 -2.14 -7.28
N GLY B 244 -5.58 -2.56 -8.03
CA GLY B 244 -5.05 -1.74 -9.09
C GLY B 244 -4.00 -0.75 -8.65
N ARG B 245 -3.46 -0.86 -7.44
CA ARG B 245 -2.53 0.12 -6.92
C ARG B 245 -1.09 -0.27 -7.28
N LEU B 246 -0.22 0.73 -7.37
CA LEU B 246 1.15 0.45 -7.79
C LEU B 246 2.00 0.02 -6.61
N CYS B 247 2.70 -1.10 -6.77
CA CYS B 247 3.54 -1.66 -5.72
C CYS B 247 4.99 -1.33 -6.04
N LEU B 248 5.59 -0.47 -5.22
CA LEU B 248 6.96 -0.01 -5.36
C LEU B 248 7.88 -0.78 -4.42
N ASP B 249 9.01 -1.25 -4.93
CA ASP B 249 10.12 -1.67 -4.08
C ASP B 249 10.89 -0.42 -3.69
N VAL B 250 10.88 -0.06 -2.42
CA VAL B 250 11.66 1.07 -1.90
C VAL B 250 12.57 0.52 -0.82
N GLY B 251 13.89 0.55 -1.07
CA GLY B 251 14.80 0.04 -0.06
C GLY B 251 14.68 -1.44 0.21
N GLY B 252 13.94 -2.18 -0.62
CA GLY B 252 13.70 -3.59 -0.37
C GLY B 252 12.38 -3.91 0.27
N ARG B 253 11.55 -2.90 0.56
CA ARG B 253 10.24 -3.11 1.15
C ARG B 253 9.17 -2.49 0.27
N THR B 254 7.96 -3.00 0.37
CA THR B 254 6.86 -2.55 -0.45
C THR B 254 6.29 -1.24 0.02
N VAL B 255 6.19 -0.28 -0.90
CA VAL B 255 5.32 0.89 -0.76
C VAL B 255 4.28 0.78 -1.84
N VAL B 256 3.03 1.00 -1.46
CA VAL B 256 1.88 0.88 -2.34
C VAL B 256 1.34 2.29 -2.53
N VAL B 257 1.16 2.69 -3.79
CA VAL B 257 0.65 4.03 -4.09
C VAL B 257 -0.66 3.87 -4.84
N SER B 258 -1.69 4.58 -4.38
CA SER B 258 -3.02 4.43 -4.96
C SER B 258 -3.21 5.33 -6.17
N ALA B 259 -2.48 6.43 -6.24
CA ALA B 259 -2.67 7.41 -7.30
C ALA B 259 -1.45 8.30 -7.31
N GLY B 260 -1.24 8.96 -8.43
CA GLY B 260 -0.12 9.87 -8.55
C GLY B 260 0.36 9.92 -9.99
N ASP B 261 1.21 10.91 -10.25
CA ASP B 261 1.88 11.04 -11.52
C ASP B 261 3.17 10.23 -11.47
N VAL B 262 3.28 9.25 -12.34
CA VAL B 262 4.46 8.40 -12.35
C VAL B 262 5.41 8.92 -13.42
N VAL B 263 6.66 9.15 -13.04
CA VAL B 263 7.76 9.46 -13.95
C VAL B 263 8.60 8.20 -14.11
N HIS B 264 8.89 7.83 -15.35
CA HIS B 264 9.79 6.71 -15.63
C HIS B 264 11.23 7.23 -15.66
N LEU B 265 12.07 6.73 -14.76
CA LEU B 265 13.49 7.06 -14.72
C LEU B 265 14.26 6.12 -15.64
#